data_3KCI
#
_entry.id   3KCI
#
_cell.length_a   52.673
_cell.length_b   52.673
_cell.length_c   215.242
_cell.angle_alpha   90.00
_cell.angle_beta   90.00
_cell.angle_gamma   120.00
#
_symmetry.space_group_name_H-M   'P 61'
#
loop_
_entity.id
_entity.type
_entity.pdbx_description
1 polymer 'Probable E3 ubiquitin-protein ligase HERC2'
2 water water
#
_entity_poly.entity_id   1
_entity_poly.type   'polypeptide(L)'
_entity_poly.pdbx_seq_one_letter_code
;MHHHHHHSSGRENLYFQGSGTIYGWGHNHRGQLGGIEGAKVKVPTPCEALATLRPVQLIGGEQTLFAVTADGKLYATGYG
AGGRLGIGGTESVSTPTLLESIQHVFIKKVAVNSGGKHCLALSSEGEVYSWGEAEDGKLGHGNRSPCDRPRVIESLRGIE
VVDVAAGGAHSACVTAAGDLYTWGKGRYGRLGHSDSEDQLKPKLVEALQGHRVVDIACGSGDAQTLCLTDDDTVWSWGDG
DYGKLGRGGSDGCKVPMKIDSLTGLGVVKVECGSQFSVALTKSGAVYTWGKGDYHRLGHGSDDHVRRPRQVQGLQGKKVI
AIATGSLHCVCCTEDGEVYTWGDNDEGQLGDGTTNAIQRPRLVAALQGKKVNRVACGSAHTLAWSTSKP
;
_entity_poly.pdbx_strand_id   A
#
# COMPACT_ATOMS: atom_id res chain seq x y z
N THR A 21 18.66 -2.82 -13.15
CA THR A 21 17.76 -1.71 -13.64
C THR A 21 16.45 -1.67 -12.86
N ILE A 22 15.99 -0.47 -12.54
CA ILE A 22 14.62 -0.32 -11.99
C ILE A 22 13.85 0.63 -12.90
N TYR A 23 12.70 0.18 -13.40
CA TYR A 23 11.87 1.02 -14.29
C TYR A 23 10.86 1.81 -13.51
N GLY A 24 10.74 3.10 -13.80
CA GLY A 24 9.73 3.89 -13.09
C GLY A 24 8.96 4.70 -14.10
N TRP A 25 7.71 5.02 -13.76
CA TRP A 25 6.88 5.86 -14.64
C TRP A 25 5.73 6.49 -13.87
N GLY A 26 4.98 7.35 -14.56
CA GLY A 26 3.88 8.08 -13.92
C GLY A 26 4.28 9.47 -13.47
N HIS A 27 3.59 9.97 -12.45
CA HIS A 27 3.78 11.34 -12.03
C HIS A 27 5.17 11.53 -11.38
N ASN A 28 5.86 12.60 -11.79
CA ASN A 28 7.25 12.82 -11.42
C ASN A 28 7.53 14.32 -11.22
N HIS A 29 6.46 15.10 -11.03
CA HIS A 29 6.55 16.54 -11.03
C HIS A 29 7.25 17.08 -9.80
N ARG A 30 7.33 16.26 -8.75
CA ARG A 30 7.97 16.64 -7.48
C ARG A 30 9.13 15.70 -7.10
N GLY A 31 9.69 15.01 -8.08
CA GLY A 31 10.84 14.13 -7.84
C GLY A 31 10.49 12.73 -7.35
N GLN A 32 9.24 12.31 -7.56
CA GLN A 32 8.74 10.98 -7.16
C GLN A 32 9.62 9.81 -7.60
N LEU A 33 10.27 9.93 -8.77
CA LEU A 33 10.98 8.80 -9.38
C LEU A 33 12.51 8.88 -9.15
N GLY A 34 12.92 9.85 -8.35
CA GLY A 34 14.28 9.91 -7.86
C GLY A 34 15.35 10.47 -8.79
N GLY A 35 14.93 11.25 -9.79
CA GLY A 35 15.88 12.09 -10.53
C GLY A 35 15.74 12.15 -12.04
N ILE A 36 14.80 11.42 -12.62
CA ILE A 36 14.64 11.40 -14.08
C ILE A 36 13.84 12.60 -14.58
N GLU A 37 13.96 12.88 -15.89
CA GLU A 37 13.36 14.08 -16.50
C GLU A 37 11.91 13.89 -16.93
N GLY A 38 11.10 14.92 -16.72
CA GLY A 38 9.74 14.93 -17.24
C GLY A 38 8.77 14.97 -16.07
N ALA A 39 7.84 15.91 -16.11
CA ALA A 39 6.81 15.98 -15.06
C ALA A 39 5.92 14.74 -15.11
N LYS A 40 5.68 14.21 -16.30
CA LYS A 40 4.99 12.92 -16.41
C LYS A 40 5.90 12.00 -17.19
N VAL A 41 6.16 10.82 -16.65
CA VAL A 41 7.01 9.86 -17.34
C VAL A 41 6.06 8.78 -17.88
N LYS A 42 5.75 8.81 -19.17
CA LYS A 42 4.60 8.04 -19.66
C LYS A 42 4.96 6.64 -20.13
N VAL A 43 6.26 6.33 -20.14
CA VAL A 43 6.73 4.98 -20.48
C VAL A 43 7.70 4.52 -19.42
N PRO A 44 7.74 3.22 -19.17
CA PRO A 44 8.71 2.79 -18.17
C PRO A 44 10.14 3.22 -18.52
N THR A 45 10.79 3.87 -17.57
CA THR A 45 12.11 4.46 -17.78
C THR A 45 13.10 4.06 -16.69
N PRO A 46 14.34 3.71 -17.07
CA PRO A 46 15.32 3.36 -16.04
C PRO A 46 15.53 4.48 -15.03
N CYS A 47 15.50 4.12 -13.75
CA CYS A 47 15.78 5.06 -12.70
C CYS A 47 17.12 4.68 -12.07
N GLU A 48 18.20 5.31 -12.55
CA GLU A 48 19.55 4.89 -12.16
C GLU A 48 19.80 5.08 -10.67
N ALA A 49 19.33 6.20 -10.11
CA ALA A 49 19.62 6.53 -8.72
C ALA A 49 18.97 5.53 -7.75
N LEU A 50 17.76 5.09 -8.08
CA LEU A 50 17.10 4.03 -7.32
C LEU A 50 17.80 2.67 -7.48
N ALA A 51 18.17 2.31 -8.70
CA ALA A 51 18.91 1.06 -8.93
C ALA A 51 20.22 0.98 -8.15
N THR A 52 20.91 2.10 -7.99
CA THR A 52 22.22 2.10 -7.32
C THR A 52 22.03 1.65 -5.87
N LEU A 53 20.82 1.87 -5.35
CA LEU A 53 20.53 1.49 -3.97
C LEU A 53 20.32 0.00 -3.79
N ARG A 54 20.14 -0.73 -4.88
N ARG A 54 20.11 -0.71 -4.90
CA ARG A 54 19.80 -2.16 -4.82
CA ARG A 54 19.80 -2.13 -4.87
C ARG A 54 18.70 -2.40 -3.78
C ARG A 54 18.71 -2.41 -3.81
N PRO A 55 17.52 -1.79 -3.95
CA PRO A 55 16.51 -1.85 -2.88
C PRO A 55 15.93 -3.26 -2.71
N VAL A 56 15.66 -3.62 -1.45
CA VAL A 56 14.86 -4.82 -1.18
C VAL A 56 13.37 -4.51 -1.14
N GLN A 57 13.02 -3.22 -1.00
CA GLN A 57 11.62 -2.79 -1.05
C GLN A 57 11.57 -1.37 -1.64
N LEU A 58 10.56 -1.13 -2.48
CA LEU A 58 10.20 0.21 -2.94
C LEU A 58 8.69 0.29 -2.72
N ILE A 59 8.24 1.43 -2.22
CA ILE A 59 6.83 1.65 -1.88
C ILE A 59 6.58 3.14 -1.89
N GLY A 60 5.47 3.56 -2.48
CA GLY A 60 5.20 4.98 -2.59
C GLY A 60 3.97 5.42 -1.84
N GLY A 61 3.99 6.69 -1.41
CA GLY A 61 2.81 7.36 -0.84
C GLY A 61 2.30 8.46 -1.79
N GLU A 62 1.64 9.45 -1.20
N GLU A 62 1.65 9.46 -1.21
CA GLU A 62 1.11 10.57 -1.97
CA GLU A 62 1.09 10.58 -1.94
C GLU A 62 2.27 11.42 -2.46
C GLU A 62 2.26 11.44 -2.47
N GLN A 63 2.57 11.24 -3.75
CA GLN A 63 3.68 11.94 -4.43
C GLN A 63 5.08 11.67 -3.82
N THR A 64 5.24 10.49 -3.23
CA THR A 64 6.49 10.12 -2.55
C THR A 64 6.89 8.70 -2.93
N LEU A 65 8.18 8.41 -2.70
CA LEU A 65 8.69 7.05 -2.89
C LEU A 65 9.73 6.75 -1.83
N PHE A 66 9.61 5.56 -1.23
CA PHE A 66 10.55 5.11 -0.21
C PHE A 66 11.29 3.87 -0.63
N ALA A 67 12.58 3.82 -0.30
CA ALA A 67 13.42 2.68 -0.66
C ALA A 67 14.05 2.08 0.61
N VAL A 68 14.03 0.75 0.70
CA VAL A 68 14.69 0.03 1.81
C VAL A 68 15.85 -0.76 1.21
N THR A 69 17.04 -0.59 1.78
CA THR A 69 18.24 -1.27 1.27
C THR A 69 18.47 -2.60 1.98
N ALA A 70 19.34 -3.44 1.39
CA ALA A 70 19.72 -4.73 1.95
C ALA A 70 20.40 -4.61 3.30
N ASP A 71 21.08 -3.48 3.53
CA ASP A 71 21.72 -3.27 4.83
C ASP A 71 20.85 -2.42 5.76
N GLY A 72 19.56 -2.34 5.45
CA GLY A 72 18.56 -1.80 6.38
C GLY A 72 18.48 -0.28 6.44
N LYS A 73 18.98 0.38 5.39
CA LYS A 73 18.96 1.85 5.30
C LYS A 73 17.67 2.30 4.60
N LEU A 74 17.23 3.52 4.88
CA LEU A 74 15.97 4.02 4.30
C LEU A 74 16.24 5.30 3.51
N TYR A 75 15.71 5.38 2.29
CA TYR A 75 15.81 6.55 1.45
C TYR A 75 14.42 7.00 1.04
N ALA A 76 14.26 8.31 0.86
CA ALA A 76 12.98 8.89 0.41
C ALA A 76 13.21 9.91 -0.72
N THR A 77 12.21 10.02 -1.60
CA THR A 77 12.23 11.03 -2.64
C THR A 77 10.82 11.54 -2.93
N GLY A 78 10.73 12.78 -3.39
CA GLY A 78 9.47 13.36 -3.82
C GLY A 78 9.01 14.51 -2.93
N TYR A 79 7.70 14.65 -2.81
CA TYR A 79 7.06 15.80 -2.14
C TYR A 79 7.29 15.76 -0.61
N GLY A 80 7.71 16.90 -0.05
CA GLY A 80 8.10 16.95 1.36
C GLY A 80 7.07 17.52 2.31
N ALA A 81 5.95 18.00 1.79
CA ALA A 81 4.97 18.69 2.63
C ALA A 81 4.62 17.89 3.87
N GLY A 82 4.56 18.57 5.01
CA GLY A 82 4.10 17.95 6.22
C GLY A 82 5.09 17.03 6.91
N GLY A 83 6.31 16.97 6.38
CA GLY A 83 7.38 16.11 6.93
C GLY A 83 7.23 14.66 6.52
N ARG A 84 6.48 14.40 5.46
CA ARG A 84 6.18 13.04 5.02
C ARG A 84 7.40 12.20 4.57
N LEU A 85 8.51 12.84 4.18
CA LEU A 85 9.69 12.13 3.69
C LEU A 85 10.51 11.52 4.82
N GLY A 86 10.47 12.16 6.00
CA GLY A 86 11.19 11.70 7.18
C GLY A 86 12.66 12.04 7.23
N ILE A 87 13.12 12.84 6.26
CA ILE A 87 14.54 13.21 6.17
C ILE A 87 14.84 14.44 7.02
N GLY A 88 13.77 15.10 7.48
CA GLY A 88 13.89 16.33 8.24
C GLY A 88 13.30 17.49 7.48
N GLY A 89 12.51 18.32 8.15
CA GLY A 89 11.88 19.45 7.50
C GLY A 89 10.76 19.07 6.52
N THR A 90 10.42 20.02 5.66
CA THR A 90 9.34 19.83 4.70
C THR A 90 9.77 20.09 3.26
N GLU A 91 11.06 20.22 3.00
CA GLU A 91 11.51 20.39 1.62
C GLU A 91 11.33 19.14 0.80
N SER A 92 10.99 19.34 -0.47
CA SER A 92 10.89 18.24 -1.43
C SER A 92 12.29 17.92 -1.97
N VAL A 93 12.51 16.66 -2.35
CA VAL A 93 13.76 16.27 -2.97
C VAL A 93 13.51 15.52 -4.28
N SER A 94 14.50 15.52 -5.17
CA SER A 94 14.40 14.88 -6.48
C SER A 94 15.44 13.75 -6.66
N THR A 95 16.06 13.33 -5.56
CA THR A 95 16.97 12.19 -5.58
C THR A 95 16.76 11.41 -4.29
N PRO A 96 17.00 10.08 -4.31
CA PRO A 96 16.77 9.30 -3.07
C PRO A 96 17.68 9.81 -1.97
N THR A 97 17.07 10.18 -0.85
CA THR A 97 17.75 10.91 0.20
C THR A 97 17.70 10.10 1.49
N LEU A 98 18.88 9.82 2.06
CA LEU A 98 19.02 8.99 3.26
C LEU A 98 18.32 9.58 4.47
N LEU A 99 17.51 8.78 5.16
CA LEU A 99 16.94 9.16 6.45
C LEU A 99 18.01 8.93 7.51
N GLU A 100 18.86 9.93 7.69
CA GLU A 100 20.08 9.79 8.48
C GLU A 100 19.83 9.46 9.95
N SER A 101 18.76 10.02 10.51
CA SER A 101 18.52 9.95 11.96
C SER A 101 18.26 8.53 12.46
N ILE A 102 18.04 7.62 11.51
CA ILE A 102 17.62 6.27 11.79
C ILE A 102 18.62 5.28 11.18
N GLN A 103 19.72 5.79 10.65
CA GLN A 103 20.68 4.91 9.98
C GLN A 103 21.32 3.89 10.93
N HIS A 104 21.24 4.13 12.24
CA HIS A 104 21.73 3.15 13.22
C HIS A 104 20.78 1.96 13.44
N VAL A 105 19.63 1.99 12.78
CA VAL A 105 18.58 0.97 12.93
C VAL A 105 18.51 0.16 11.64
N PHE A 106 18.44 -1.16 11.74
CA PHE A 106 18.22 -1.99 10.54
C PHE A 106 16.71 -2.06 10.25
N ILE A 107 16.29 -1.38 9.19
CA ILE A 107 14.87 -1.42 8.80
C ILE A 107 14.62 -2.52 7.77
N LYS A 108 13.60 -3.34 8.00
CA LYS A 108 13.28 -4.37 7.03
C LYS A 108 12.04 -4.11 6.20
N LYS A 109 11.22 -3.14 6.60
CA LYS A 109 10.00 -2.84 5.83
C LYS A 109 9.46 -1.46 6.18
N VAL A 110 8.95 -0.79 5.16
CA VAL A 110 8.21 0.45 5.31
C VAL A 110 6.76 0.23 4.88
N ALA A 111 5.85 0.84 5.64
CA ALA A 111 4.44 0.92 5.25
C ALA A 111 4.01 2.36 5.00
N VAL A 112 3.38 2.56 3.85
CA VAL A 112 2.78 3.83 3.51
C VAL A 112 1.60 3.55 2.60
N ASN A 113 0.54 4.33 2.76
CA ASN A 113 -0.61 4.15 1.88
C ASN A 113 -0.33 4.89 0.57
N SER A 114 -0.85 4.39 -0.53
N SER A 114 -0.82 4.41 -0.55
CA SER A 114 -0.67 5.04 -1.85
CA SER A 114 -0.52 5.11 -1.81
C SER A 114 -1.06 6.51 -1.78
C SER A 114 -1.07 6.55 -1.80
N GLY A 115 -2.11 6.80 -1.01
CA GLY A 115 -2.60 8.18 -0.79
C GLY A 115 -2.18 8.75 0.56
N GLY A 116 -1.14 8.19 1.16
CA GLY A 116 -0.75 8.55 2.54
C GLY A 116 0.34 9.59 2.69
N LYS A 117 0.40 10.18 3.88
CA LYS A 117 1.33 11.27 4.20
C LYS A 117 2.04 10.98 5.52
N HIS A 118 2.01 9.70 5.95
CA HIS A 118 2.82 9.23 7.09
C HIS A 118 3.30 7.81 6.77
N CYS A 119 4.40 7.39 7.38
CA CYS A 119 4.92 6.03 7.24
C CYS A 119 5.07 5.33 8.57
N LEU A 120 5.04 4.00 8.52
CA LEU A 120 5.60 3.17 9.58
C LEU A 120 6.84 2.49 9.02
N ALA A 121 7.83 2.25 9.87
CA ALA A 121 9.01 1.46 9.48
C ALA A 121 9.28 0.39 10.54
N LEU A 122 9.57 -0.83 10.10
CA LEU A 122 9.76 -1.95 11.01
C LEU A 122 11.23 -2.32 11.07
N SER A 123 11.79 -2.34 12.28
CA SER A 123 13.20 -2.75 12.44
C SER A 123 13.38 -4.25 12.62
N SER A 124 14.64 -4.69 12.52
CA SER A 124 15.02 -6.08 12.76
C SER A 124 14.75 -6.54 14.21
N GLU A 125 14.60 -5.55 15.09
N GLU A 125 14.62 -5.59 15.13
CA GLU A 125 14.32 -5.76 16.50
CA GLU A 125 14.30 -5.95 16.53
C GLU A 125 12.81 -5.71 16.78
C GLU A 125 12.78 -6.00 16.78
N GLY A 126 11.98 -5.81 15.73
CA GLY A 126 10.51 -5.88 15.87
C GLY A 126 9.84 -4.66 16.49
N GLU A 127 10.48 -3.51 16.30
CA GLU A 127 9.97 -2.24 16.78
C GLU A 127 9.51 -1.38 15.60
N VAL A 128 8.56 -0.49 15.87
CA VAL A 128 7.93 0.33 14.83
C VAL A 128 8.28 1.81 15.02
N TYR A 129 8.70 2.43 13.94
CA TYR A 129 9.01 3.84 13.88
C TYR A 129 7.98 4.49 12.98
N SER A 130 7.58 5.71 13.30
CA SER A 130 6.61 6.39 12.46
C SER A 130 7.03 7.82 12.25
N TRP A 131 6.56 8.42 11.17
CA TRP A 131 6.80 9.83 10.89
C TRP A 131 5.82 10.37 9.88
N GLY A 132 5.79 11.69 9.80
CA GLY A 132 4.97 12.36 8.83
C GLY A 132 3.85 13.14 9.49
N GLU A 133 2.74 13.27 8.76
CA GLU A 133 1.56 13.94 9.30
C GLU A 133 1.06 13.20 10.52
N ALA A 134 0.47 13.95 11.45
CA ALA A 134 0.07 13.36 12.72
C ALA A 134 -1.42 13.49 13.03
N GLU A 135 -2.18 14.03 12.07
CA GLU A 135 -3.64 14.09 12.18
C GLU A 135 -4.21 12.74 12.62
N ASP A 136 -5.19 12.81 13.51
CA ASP A 136 -5.94 11.64 13.93
C ASP A 136 -5.17 10.66 14.80
N GLY A 137 -3.92 10.96 15.17
CA GLY A 137 -3.14 10.04 16.03
C GLY A 137 -2.52 8.89 15.26
N LYS A 138 -2.44 9.03 13.94
CA LYS A 138 -1.94 7.95 13.10
C LYS A 138 -0.47 7.57 13.30
N LEU A 139 0.30 8.48 13.90
CA LEU A 139 1.70 8.15 14.23
C LEU A 139 1.81 7.25 15.46
N GLY A 140 0.79 7.25 16.32
CA GLY A 140 0.75 6.30 17.45
C GLY A 140 1.52 6.72 18.68
N HIS A 141 1.82 8.01 18.81
CA HIS A 141 2.62 8.48 19.95
C HIS A 141 1.78 9.05 21.09
N GLY A 142 0.45 8.90 21.02
CA GLY A 142 -0.39 9.35 22.15
C GLY A 142 -0.82 10.79 22.03
N ASN A 143 -0.60 11.39 20.86
CA ASN A 143 -0.98 12.80 20.61
C ASN A 143 -1.11 13.00 19.11
N ARG A 144 -1.32 14.24 18.68
N ARG A 144 -1.33 14.25 18.70
CA ARG A 144 -1.47 14.60 17.26
CA ARG A 144 -1.52 14.64 17.29
C ARG A 144 -0.37 15.54 16.77
C ARG A 144 -0.39 15.59 16.82
N SER A 145 0.80 15.40 17.38
CA SER A 145 1.95 16.23 17.08
C SER A 145 2.81 15.62 15.95
N PRO A 146 3.06 16.39 14.89
CA PRO A 146 3.85 15.84 13.75
C PRO A 146 5.31 15.56 14.11
N CYS A 147 5.89 14.53 13.48
CA CYS A 147 7.28 14.08 13.68
C CYS A 147 7.87 14.10 12.28
N ASP A 148 8.85 14.96 12.03
CA ASP A 148 9.39 15.07 10.67
C ASP A 148 10.53 14.08 10.42
N ARG A 149 10.88 13.32 11.46
CA ARG A 149 11.86 12.22 11.36
C ARG A 149 11.29 11.01 12.09
N PRO A 150 11.78 9.79 11.76
CA PRO A 150 11.20 8.59 12.36
C PRO A 150 11.38 8.50 13.86
N ARG A 151 10.30 8.13 14.56
CA ARG A 151 10.31 8.06 16.02
C ARG A 151 9.70 6.74 16.46
N VAL A 152 10.37 6.05 17.39
CA VAL A 152 9.87 4.73 17.80
C VAL A 152 8.53 4.88 18.49
N ILE A 153 7.62 3.95 18.22
CA ILE A 153 6.36 3.90 18.93
C ILE A 153 6.61 3.20 20.30
N GLU A 154 6.63 3.99 21.38
CA GLU A 154 7.03 3.49 22.70
C GLU A 154 6.13 2.43 23.30
N SER A 155 4.82 2.52 23.03
CA SER A 155 3.88 1.64 23.69
C SER A 155 3.94 0.23 23.14
N LEU A 156 4.61 0.04 22.00
CA LEU A 156 4.84 -1.29 21.43
C LEU A 156 6.16 -1.90 21.87
N ARG A 157 6.96 -1.18 22.61
CA ARG A 157 8.25 -1.75 22.98
C ARG A 157 8.01 -2.95 23.90
N GLY A 158 8.76 -4.02 23.65
CA GLY A 158 8.61 -5.27 24.40
C GLY A 158 7.71 -6.29 23.72
N ILE A 159 7.08 -5.86 22.63
CA ILE A 159 6.24 -6.69 21.77
C ILE A 159 6.95 -6.89 20.42
N GLU A 160 7.03 -8.13 19.96
CA GLU A 160 7.71 -8.41 18.70
C GLU A 160 6.76 -8.18 17.51
N VAL A 161 6.93 -7.04 16.85
CA VAL A 161 6.09 -6.71 15.68
C VAL A 161 6.75 -7.30 14.44
N VAL A 162 5.94 -7.95 13.58
CA VAL A 162 6.48 -8.64 12.40
C VAL A 162 5.94 -8.09 11.07
N ASP A 163 4.91 -7.23 11.14
CA ASP A 163 4.39 -6.60 9.92
C ASP A 163 3.72 -5.27 10.25
N VAL A 164 3.67 -4.40 9.25
CA VAL A 164 3.17 -3.05 9.38
C VAL A 164 2.36 -2.70 8.10
N ALA A 165 1.33 -1.89 8.26
CA ALA A 165 0.51 -1.41 7.13
C ALA A 165 0.04 -0.01 7.46
N ALA A 166 -0.16 0.83 6.44
CA ALA A 166 -0.56 2.21 6.71
C ALA A 166 -1.72 2.58 5.80
N GLY A 167 -2.66 3.34 6.35
CA GLY A 167 -3.81 3.84 5.58
C GLY A 167 -3.66 5.33 5.37
N GLY A 168 -4.68 5.96 4.78
CA GLY A 168 -4.73 7.41 4.61
C GLY A 168 -4.68 8.16 5.94
N ALA A 169 -5.41 7.63 6.93
CA ALA A 169 -5.59 8.30 8.21
C ALA A 169 -5.46 7.31 9.36
N HIS A 170 -4.97 6.10 9.08
CA HIS A 170 -4.81 5.11 10.15
C HIS A 170 -3.63 4.22 9.88
N SER A 171 -3.33 3.34 10.84
CA SER A 171 -2.09 2.57 10.85
C SER A 171 -2.39 1.21 11.47
N ALA A 172 -1.55 0.22 11.17
CA ALA A 172 -1.75 -1.10 11.76
C ALA A 172 -0.46 -1.86 11.85
N CYS A 173 -0.43 -2.83 12.76
CA CYS A 173 0.71 -3.75 12.78
C CYS A 173 0.31 -5.14 13.30
N VAL A 174 1.16 -6.12 13.01
CA VAL A 174 0.89 -7.49 13.38
C VAL A 174 2.05 -7.99 14.26
N THR A 175 1.75 -8.75 15.31
CA THR A 175 2.79 -9.25 16.19
C THR A 175 3.19 -10.70 15.80
N ALA A 176 4.27 -11.20 16.39
CA ALA A 176 4.71 -12.58 16.19
C ALA A 176 3.65 -13.63 16.51
N ALA A 177 2.77 -13.29 17.44
CA ALA A 177 1.69 -14.17 17.92
C ALA A 177 0.48 -14.14 17.00
N GLY A 178 0.48 -13.22 16.03
CA GLY A 178 -0.61 -13.07 15.07
C GLY A 178 -1.68 -12.07 15.50
N ASP A 179 -1.42 -11.30 16.57
CA ASP A 179 -2.36 -10.26 17.01
C ASP A 179 -2.24 -9.03 16.11
N LEU A 180 -3.32 -8.28 15.99
CA LEU A 180 -3.36 -7.07 15.16
C LEU A 180 -3.61 -5.85 16.03
N TYR A 181 -2.85 -4.79 15.78
CA TYR A 181 -3.12 -3.51 16.42
C TYR A 181 -3.47 -2.51 15.34
N THR A 182 -4.38 -1.59 15.64
CA THR A 182 -4.69 -0.49 14.71
C THR A 182 -4.73 0.80 15.53
N TRP A 183 -4.52 1.91 14.85
CA TRP A 183 -4.59 3.21 15.53
C TRP A 183 -4.79 4.30 14.52
N GLY A 184 -5.18 5.48 15.01
CA GLY A 184 -5.42 6.62 14.12
C GLY A 184 -6.90 6.99 14.11
N LYS A 185 -7.39 7.40 12.96
CA LYS A 185 -8.76 7.92 12.83
C LYS A 185 -9.82 6.83 13.04
N GLY A 186 -10.79 7.07 13.94
CA GLY A 186 -11.77 6.03 14.24
C GLY A 186 -13.04 6.12 13.42
N ARG A 187 -13.29 7.27 12.79
CA ARG A 187 -14.54 7.48 12.08
C ARG A 187 -14.82 6.39 11.03
N TYR A 188 -16.05 5.89 11.04
CA TYR A 188 -16.55 4.88 10.10
C TYR A 188 -15.98 3.48 10.33
N GLY A 189 -15.31 3.27 11.46
CA GLY A 189 -15.07 1.91 11.92
C GLY A 189 -13.79 1.26 11.44
N ARG A 190 -12.94 1.99 10.73
CA ARG A 190 -11.73 1.42 10.13
C ARG A 190 -10.76 0.78 11.13
N LEU A 191 -10.79 1.20 12.41
CA LEU A 191 -9.91 0.59 13.39
C LEU A 191 -10.37 -0.76 13.88
N GLY A 192 -11.67 -1.02 13.82
CA GLY A 192 -12.22 -2.33 14.18
C GLY A 192 -12.43 -2.63 15.64
N HIS A 193 -12.61 -1.59 16.48
CA HIS A 193 -12.79 -1.77 17.91
C HIS A 193 -14.22 -1.66 18.34
N SER A 194 -15.16 -1.81 17.41
CA SER A 194 -16.61 -1.81 17.69
C SER A 194 -17.12 -0.45 18.12
N ASP A 195 -16.38 0.60 17.78
CA ASP A 195 -16.84 1.97 17.97
C ASP A 195 -16.15 2.90 16.97
N SER A 196 -16.38 4.20 17.09
CA SER A 196 -15.80 5.15 16.12
C SER A 196 -14.72 6.03 16.75
N GLU A 197 -14.19 5.61 17.89
CA GLU A 197 -13.25 6.48 18.61
C GLU A 197 -11.87 6.46 17.96
N ASP A 198 -11.23 7.63 17.88
CA ASP A 198 -9.83 7.70 17.49
C ASP A 198 -8.99 6.96 18.51
N GLN A 199 -7.87 6.41 18.05
CA GLN A 199 -6.91 5.81 18.98
C GLN A 199 -5.56 6.41 18.75
N LEU A 200 -5.03 7.13 19.77
CA LEU A 200 -3.77 7.82 19.60
C LEU A 200 -2.52 6.96 19.81
N LYS A 201 -2.71 5.73 20.30
CA LYS A 201 -1.65 4.74 20.46
C LYS A 201 -2.22 3.41 19.92
N PRO A 202 -1.35 2.48 19.45
CA PRO A 202 -1.83 1.21 18.95
C PRO A 202 -2.76 0.51 19.94
N LYS A 203 -3.83 -0.07 19.40
CA LYS A 203 -4.79 -0.73 20.25
C LYS A 203 -5.10 -2.10 19.63
N LEU A 204 -5.05 -3.13 20.48
CA LEU A 204 -5.31 -4.47 20.05
C LEU A 204 -6.71 -4.64 19.50
N VAL A 205 -6.80 -5.24 18.31
CA VAL A 205 -8.11 -5.60 17.72
C VAL A 205 -8.62 -6.91 18.35
N GLU A 206 -9.43 -6.75 19.39
CA GLU A 206 -9.81 -7.90 20.22
C GLU A 206 -10.64 -8.92 19.47
N ALA A 207 -11.42 -8.47 18.49
CA ALA A 207 -12.33 -9.36 17.76
C ALA A 207 -11.60 -10.39 16.91
N LEU A 208 -10.34 -10.10 16.59
CA LEU A 208 -9.54 -11.05 15.82
C LEU A 208 -8.71 -11.99 16.69
N GLN A 209 -8.68 -11.78 18.00
CA GLN A 209 -7.89 -12.71 18.84
C GLN A 209 -8.38 -14.14 18.63
N GLY A 210 -7.44 -15.08 18.60
CA GLY A 210 -7.76 -16.48 18.26
C GLY A 210 -7.61 -16.79 16.77
N HIS A 211 -7.45 -15.75 15.96
CA HIS A 211 -7.13 -15.95 14.54
C HIS A 211 -5.77 -15.31 14.32
N ARG A 212 -4.86 -16.00 13.65
CA ARG A 212 -3.53 -15.44 13.44
C ARG A 212 -3.55 -14.62 12.15
N VAL A 213 -3.31 -13.30 12.26
CA VAL A 213 -3.26 -12.41 11.06
C VAL A 213 -1.92 -12.60 10.36
N VAL A 214 -1.98 -12.74 9.04
CA VAL A 214 -0.78 -13.01 8.22
C VAL A 214 -0.61 -11.93 7.14
N ASP A 215 -1.64 -11.12 6.91
CA ASP A 215 -1.51 -9.99 5.97
C ASP A 215 -2.53 -8.95 6.36
N ILE A 216 -2.23 -7.69 6.11
CA ILE A 216 -3.03 -6.57 6.55
C ILE A 216 -2.90 -5.43 5.53
N ALA A 217 -4.00 -4.77 5.23
CA ALA A 217 -3.95 -3.59 4.36
C ALA A 217 -4.96 -2.57 4.82
N CYS A 218 -4.62 -1.29 4.66
CA CYS A 218 -5.48 -0.23 5.15
C CYS A 218 -5.79 0.72 4.03
N GLY A 219 -7.02 1.25 4.00
CA GLY A 219 -7.42 2.14 2.89
C GLY A 219 -7.34 3.63 3.22
N SER A 220 -7.84 4.44 2.31
CA SER A 220 -7.77 5.89 2.44
C SER A 220 -9.16 6.49 2.38
N GLY A 221 -9.21 7.81 2.55
CA GLY A 221 -10.50 8.53 2.54
C GLY A 221 -11.36 7.93 3.64
N ASP A 222 -12.69 7.84 3.41
CA ASP A 222 -13.51 7.09 4.37
C ASP A 222 -13.18 5.62 4.12
N ALA A 223 -12.36 5.05 5.00
CA ALA A 223 -11.54 3.87 4.66
C ALA A 223 -12.06 2.55 5.17
N GLN A 224 -11.71 1.49 4.43
CA GLN A 224 -11.80 0.11 4.89
C GLN A 224 -10.44 -0.34 5.40
N THR A 225 -10.44 -1.50 6.04
CA THR A 225 -9.23 -2.22 6.40
C THR A 225 -9.53 -3.68 6.01
N LEU A 226 -8.52 -4.39 5.49
CA LEU A 226 -8.68 -5.78 5.09
C LEU A 226 -7.58 -6.58 5.80
N CYS A 227 -7.85 -7.84 6.14
CA CYS A 227 -6.76 -8.68 6.55
C CYS A 227 -7.02 -10.12 6.13
N LEU A 228 -5.96 -10.91 6.19
CA LEU A 228 -5.98 -12.35 5.90
C LEU A 228 -5.51 -13.06 7.15
N THR A 229 -6.24 -14.08 7.59
CA THR A 229 -5.80 -14.94 8.69
C THR A 229 -5.36 -16.29 8.16
N ASP A 230 -4.67 -17.07 9.01
CA ASP A 230 -3.95 -18.26 8.50
C ASP A 230 -4.88 -19.46 8.33
N ASP A 231 -6.17 -19.25 8.61
CA ASP A 231 -7.19 -20.25 8.32
C ASP A 231 -7.90 -19.97 6.98
N ASP A 232 -7.14 -19.43 6.00
CA ASP A 232 -7.66 -19.22 4.67
C ASP A 232 -8.91 -18.33 4.63
N THR A 233 -8.93 -17.28 5.46
CA THR A 233 -10.11 -16.43 5.58
C THR A 233 -9.68 -14.96 5.43
N VAL A 234 -10.45 -14.21 4.65
CA VAL A 234 -10.20 -12.80 4.47
C VAL A 234 -11.25 -12.04 5.28
N TRP A 235 -10.82 -10.98 5.95
CA TRP A 235 -11.70 -10.13 6.77
C TRP A 235 -11.71 -8.68 6.24
N SER A 236 -12.83 -7.98 6.45
CA SER A 236 -12.90 -6.54 6.11
C SER A 236 -13.75 -5.81 7.13
N TRP A 237 -13.41 -4.53 7.34
CA TRP A 237 -14.22 -3.69 8.19
C TRP A 237 -14.01 -2.22 7.86
N GLY A 238 -14.84 -1.36 8.45
CA GLY A 238 -14.71 0.07 8.23
C GLY A 238 -15.78 0.58 7.29
N ASP A 239 -15.39 1.55 6.49
CA ASP A 239 -16.39 2.24 5.70
C ASP A 239 -16.93 1.38 4.57
N GLY A 240 -18.26 1.36 4.44
CA GLY A 240 -18.93 0.48 3.45
C GLY A 240 -19.20 1.06 2.06
N ASP A 241 -18.96 2.37 1.89
CA ASP A 241 -19.32 3.01 0.61
C ASP A 241 -18.74 2.26 -0.60
N TYR A 242 -19.56 2.17 -1.64
CA TYR A 242 -19.16 1.55 -2.92
C TYR A 242 -18.94 0.03 -2.89
N GLY A 243 -19.32 -0.64 -1.77
CA GLY A 243 -19.16 -2.10 -1.72
C GLY A 243 -17.75 -2.58 -1.42
N LYS A 244 -16.85 -1.68 -0.98
CA LYS A 244 -15.44 -2.11 -0.83
C LYS A 244 -15.20 -3.07 0.34
N LEU A 245 -16.20 -3.25 1.19
CA LEU A 245 -16.07 -4.32 2.20
C LEU A 245 -16.36 -5.70 1.61
N GLY A 246 -17.02 -5.76 0.46
CA GLY A 246 -17.20 -7.04 -0.26
C GLY A 246 -18.31 -7.97 0.21
N ARG A 247 -19.27 -7.42 0.95
CA ARG A 247 -20.41 -8.24 1.43
C ARG A 247 -21.73 -7.75 0.84
N GLY A 248 -21.67 -7.13 -0.34
CA GLY A 248 -22.87 -6.63 -1.01
C GLY A 248 -23.32 -5.30 -0.43
N GLY A 249 -24.14 -4.55 -1.18
CA GLY A 249 -24.62 -3.28 -0.64
C GLY A 249 -23.50 -2.31 -0.24
N SER A 250 -23.74 -1.55 0.83
N SER A 250 -23.77 -1.51 0.80
CA SER A 250 -22.82 -0.45 1.16
CA SER A 250 -22.89 -0.39 1.15
C SER A 250 -22.73 -0.15 2.65
C SER A 250 -22.76 -0.14 2.66
N ASP A 251 -23.24 -1.05 3.49
CA ASP A 251 -23.20 -0.85 4.95
C ASP A 251 -21.77 -0.92 5.46
N GLY A 252 -21.40 0.02 6.32
CA GLY A 252 -20.10 -0.09 7.02
C GLY A 252 -20.20 -1.05 8.20
N CYS A 253 -19.06 -1.34 8.82
CA CYS A 253 -19.09 -2.02 10.11
C CYS A 253 -17.91 -1.56 10.91
N LYS A 254 -17.94 -1.83 12.24
CA LYS A 254 -16.88 -1.32 13.12
C LYS A 254 -16.06 -2.41 13.76
N VAL A 255 -16.25 -3.67 13.30
CA VAL A 255 -15.55 -4.82 13.86
C VAL A 255 -15.19 -5.73 12.66
N PRO A 256 -14.02 -6.44 12.71
CA PRO A 256 -13.73 -7.36 11.61
C PRO A 256 -14.85 -8.35 11.32
N MET A 257 -15.19 -8.46 10.05
N MET A 257 -15.18 -8.46 10.04
CA MET A 257 -16.15 -9.47 9.60
CA MET A 257 -16.15 -9.43 9.56
C MET A 257 -15.61 -10.24 8.39
C MET A 257 -15.53 -10.26 8.44
N LYS A 258 -15.93 -11.53 8.33
CA LYS A 258 -15.38 -12.36 7.24
C LYS A 258 -16.00 -11.97 5.91
N ILE A 259 -15.21 -12.08 4.85
CA ILE A 259 -15.79 -12.06 3.49
C ILE A 259 -15.89 -13.54 3.09
N ASP A 260 -17.06 -14.13 3.36
CA ASP A 260 -17.20 -15.58 3.24
C ASP A 260 -16.93 -16.10 1.85
N SER A 261 -17.20 -15.26 0.84
CA SER A 261 -17.07 -15.74 -0.52
C SER A 261 -15.60 -15.96 -0.91
N LEU A 262 -14.65 -15.47 -0.09
CA LEU A 262 -13.24 -15.72 -0.33
C LEU A 262 -12.65 -16.86 0.46
N THR A 263 -13.42 -17.46 1.36
CA THR A 263 -12.90 -18.53 2.20
C THR A 263 -12.56 -19.73 1.36
N GLY A 264 -11.40 -20.35 1.61
CA GLY A 264 -11.04 -21.57 0.90
C GLY A 264 -10.41 -21.34 -0.45
N LEU A 265 -10.21 -20.09 -0.83
CA LEU A 265 -9.68 -19.78 -2.15
C LEU A 265 -8.17 -19.62 -2.20
N GLY A 266 -7.52 -19.69 -1.05
CA GLY A 266 -6.05 -19.53 -0.98
C GLY A 266 -5.57 -18.11 -1.25
N VAL A 267 -6.34 -17.12 -0.80
CA VAL A 267 -5.83 -15.75 -0.84
C VAL A 267 -4.49 -15.64 -0.12
N VAL A 268 -3.51 -14.97 -0.74
CA VAL A 268 -2.20 -14.79 -0.10
C VAL A 268 -1.86 -13.31 0.13
N LYS A 269 -2.60 -12.39 -0.50
CA LYS A 269 -2.31 -10.97 -0.31
C LYS A 269 -3.59 -10.19 -0.47
N VAL A 270 -3.73 -9.19 0.39
CA VAL A 270 -4.78 -8.17 0.19
C VAL A 270 -4.15 -6.81 0.08
N GLU A 271 -4.79 -5.92 -0.69
N GLU A 271 -4.85 -5.91 -0.63
CA GLU A 271 -4.36 -4.51 -0.81
CA GLU A 271 -4.40 -4.52 -0.81
C GLU A 271 -5.60 -3.62 -0.90
C GLU A 271 -5.62 -3.61 -0.92
N CYS A 272 -5.41 -2.32 -0.59
CA CYS A 272 -6.45 -1.32 -0.78
C CYS A 272 -5.90 -0.26 -1.72
N GLY A 273 -6.71 0.17 -2.69
CA GLY A 273 -6.48 1.47 -3.37
C GLY A 273 -7.53 2.45 -2.90
N SER A 274 -7.73 3.55 -3.65
CA SER A 274 -8.67 4.56 -3.19
C SER A 274 -10.10 4.00 -3.35
N GLN A 275 -10.75 3.72 -2.21
CA GLN A 275 -12.13 3.20 -2.24
C GLN A 275 -12.31 1.84 -2.91
N PHE A 276 -11.24 1.04 -3.00
CA PHE A 276 -11.41 -0.29 -3.58
C PHE A 276 -10.46 -1.28 -2.93
N SER A 277 -10.73 -2.55 -3.16
CA SER A 277 -10.04 -3.66 -2.44
C SER A 277 -9.57 -4.69 -3.44
N VAL A 278 -8.48 -5.40 -3.11
CA VAL A 278 -7.83 -6.32 -4.04
C VAL A 278 -7.39 -7.55 -3.24
N ALA A 279 -7.53 -8.73 -3.85
CA ALA A 279 -6.96 -9.92 -3.28
C ALA A 279 -6.25 -10.70 -4.38
N LEU A 280 -5.12 -11.31 -4.03
CA LEU A 280 -4.36 -12.17 -4.93
C LEU A 280 -4.33 -13.56 -4.33
N THR A 281 -4.59 -14.58 -5.15
CA THR A 281 -4.60 -15.96 -4.64
C THR A 281 -3.27 -16.69 -4.98
N LYS A 282 -3.01 -17.74 -4.21
CA LYS A 282 -1.92 -18.66 -4.52
C LYS A 282 -2.07 -19.14 -5.97
N SER A 283 -3.30 -19.38 -6.43
CA SER A 283 -3.51 -19.88 -7.82
C SER A 283 -3.13 -18.82 -8.86
N GLY A 284 -3.01 -17.58 -8.42
CA GLY A 284 -2.61 -16.50 -9.34
C GLY A 284 -3.79 -15.65 -9.81
N ALA A 285 -4.97 -15.86 -9.23
CA ALA A 285 -6.15 -15.06 -9.58
C ALA A 285 -6.12 -13.74 -8.85
N VAL A 286 -6.62 -12.69 -9.48
CA VAL A 286 -6.80 -11.40 -8.84
C VAL A 286 -8.27 -11.11 -8.72
N TYR A 287 -8.70 -10.71 -7.52
CA TYR A 287 -10.07 -10.25 -7.28
C TYR A 287 -10.03 -8.76 -6.95
N THR A 288 -10.97 -7.99 -7.49
CA THR A 288 -11.12 -6.61 -7.05
C THR A 288 -12.59 -6.32 -6.78
N TRP A 289 -12.82 -5.36 -5.89
CA TRP A 289 -14.19 -4.91 -5.60
C TRP A 289 -14.12 -3.52 -4.98
N GLY A 290 -15.23 -2.80 -5.04
CA GLY A 290 -15.30 -1.42 -4.55
C GLY A 290 -15.71 -0.44 -5.65
N LYS A 291 -15.25 0.80 -5.50
CA LYS A 291 -15.64 1.90 -6.36
C LYS A 291 -15.15 1.68 -7.81
N GLY A 292 -16.06 1.82 -8.77
CA GLY A 292 -15.70 1.48 -10.17
C GLY A 292 -15.26 2.66 -11.00
N ASP A 293 -15.49 3.86 -10.52
CA ASP A 293 -15.13 5.04 -11.30
C ASP A 293 -13.69 4.97 -11.82
N TYR A 294 -13.49 5.41 -13.07
CA TYR A 294 -12.16 5.56 -13.68
C TYR A 294 -11.41 4.25 -13.87
N HIS A 295 -12.14 3.16 -13.81
CA HIS A 295 -11.64 1.82 -14.19
C HIS A 295 -10.62 1.19 -13.27
N ARG A 296 -10.55 1.67 -12.03
CA ARG A 296 -9.59 1.15 -11.10
C ARG A 296 -9.75 -0.37 -10.89
N LEU A 297 -10.95 -0.94 -11.06
CA LEU A 297 -11.14 -2.38 -10.72
C LEU A 297 -10.70 -3.33 -11.83
N GLY A 298 -10.63 -2.81 -13.05
CA GLY A 298 -10.16 -3.59 -14.22
C GLY A 298 -11.15 -4.58 -14.84
N HIS A 299 -12.44 -4.42 -14.58
CA HIS A 299 -13.47 -5.34 -15.14
C HIS A 299 -14.05 -4.92 -16.48
N GLY A 300 -13.68 -3.74 -16.96
CA GLY A 300 -14.16 -3.35 -18.30
C GLY A 300 -15.43 -2.52 -18.24
N SER A 301 -15.75 -1.98 -17.07
CA SER A 301 -16.87 -1.02 -16.97
C SER A 301 -16.60 -0.21 -15.73
N ASP A 302 -17.29 0.91 -15.56
CA ASP A 302 -17.08 1.65 -14.33
C ASP A 302 -18.14 1.37 -13.24
N ASP A 303 -18.91 0.28 -13.37
CA ASP A 303 -19.86 -0.08 -12.31
C ASP A 303 -19.13 -0.41 -11.01
N HIS A 304 -19.71 0.00 -9.86
CA HIS A 304 -19.23 -0.45 -8.54
C HIS A 304 -19.43 -1.94 -8.44
N VAL A 305 -18.52 -2.60 -7.74
CA VAL A 305 -18.55 -4.05 -7.56
C VAL A 305 -18.56 -4.36 -6.07
N ARG A 306 -19.62 -5.03 -5.61
CA ARG A 306 -19.84 -5.07 -4.15
C ARG A 306 -19.50 -6.39 -3.48
N ARG A 307 -19.02 -7.36 -4.27
CA ARG A 307 -18.45 -8.61 -3.76
C ARG A 307 -17.23 -8.94 -4.61
N PRO A 308 -16.23 -9.62 -4.03
CA PRO A 308 -14.99 -9.84 -4.77
C PRO A 308 -15.28 -10.49 -6.11
N ARG A 309 -14.71 -9.91 -7.16
CA ARG A 309 -14.91 -10.43 -8.52
C ARG A 309 -13.55 -10.68 -9.16
N GLN A 310 -13.38 -11.86 -9.73
CA GLN A 310 -12.10 -12.19 -10.39
C GLN A 310 -11.95 -11.32 -11.61
N VAL A 311 -10.74 -10.82 -11.82
CA VAL A 311 -10.42 -9.97 -12.96
C VAL A 311 -10.20 -10.89 -14.14
N GLN A 312 -11.18 -10.92 -15.02
CA GLN A 312 -11.17 -11.92 -16.08
C GLN A 312 -10.11 -11.64 -17.14
N GLY A 313 -9.66 -10.39 -17.24
CA GLY A 313 -8.58 -10.05 -18.15
C GLY A 313 -7.24 -10.64 -17.76
N LEU A 314 -7.14 -11.19 -16.54
CA LEU A 314 -5.94 -11.93 -16.08
C LEU A 314 -6.15 -13.44 -15.97
N GLN A 315 -7.31 -13.90 -16.44
CA GLN A 315 -7.68 -15.32 -16.45
C GLN A 315 -6.56 -16.15 -17.05
N GLY A 316 -6.12 -17.18 -16.31
CA GLY A 316 -5.07 -18.08 -16.80
C GLY A 316 -3.66 -17.50 -16.83
N LYS A 317 -3.49 -16.31 -16.27
CA LYS A 317 -2.15 -15.73 -16.08
C LYS A 317 -1.79 -15.87 -14.61
N LYS A 318 -0.59 -16.35 -14.32
CA LYS A 318 -0.24 -16.69 -12.95
C LYS A 318 0.39 -15.47 -12.31
N VAL A 319 -0.43 -14.64 -11.69
CA VAL A 319 0.06 -13.38 -11.13
C VAL A 319 0.77 -13.67 -9.82
N ILE A 320 1.96 -13.11 -9.65
CA ILE A 320 2.78 -13.37 -8.44
C ILE A 320 2.89 -12.14 -7.53
N ALA A 321 2.57 -10.97 -8.05
CA ALA A 321 2.65 -9.74 -7.25
C ALA A 321 1.70 -8.73 -7.81
N ILE A 322 1.11 -7.95 -6.92
CA ILE A 322 0.28 -6.86 -7.39
C ILE A 322 0.50 -5.67 -6.49
N ALA A 323 0.39 -4.47 -7.05
CA ALA A 323 0.47 -3.27 -6.24
C ALA A 323 -0.60 -2.29 -6.72
N THR A 324 -1.12 -1.46 -5.80
N THR A 324 -0.96 -1.36 -5.84
CA THR A 324 -2.11 -0.46 -6.15
CA THR A 324 -2.08 -0.51 -6.11
C THR A 324 -1.60 0.93 -5.87
C THR A 324 -1.68 0.94 -5.82
N GLY A 325 -1.96 1.84 -6.74
CA GLY A 325 -1.85 3.29 -6.47
C GLY A 325 -3.25 3.74 -6.04
N SER A 326 -3.52 5.03 -6.16
CA SER A 326 -4.86 5.52 -5.81
C SER A 326 -5.94 5.01 -6.76
N LEU A 327 -5.67 5.05 -8.07
CA LEU A 327 -6.68 4.75 -9.07
C LEU A 327 -6.17 3.78 -10.13
N HIS A 328 -5.06 3.09 -9.85
CA HIS A 328 -4.51 2.18 -10.84
C HIS A 328 -3.88 0.99 -10.16
N CYS A 329 -3.71 -0.08 -10.94
CA CYS A 329 -3.04 -1.29 -10.49
C CYS A 329 -1.91 -1.68 -11.43
N VAL A 330 -0.91 -2.35 -10.87
CA VAL A 330 0.16 -2.96 -11.66
C VAL A 330 0.35 -4.40 -11.13
N CYS A 331 0.62 -5.37 -12.00
CA CYS A 331 0.92 -6.70 -11.46
C CYS A 331 1.88 -7.41 -12.41
N CYS A 332 2.50 -8.49 -11.92
CA CYS A 332 3.40 -9.25 -12.80
C CYS A 332 3.14 -10.74 -12.65
N THR A 333 3.46 -11.49 -13.68
CA THR A 333 3.24 -12.93 -13.64
C THR A 333 4.54 -13.70 -13.43
N GLU A 334 4.42 -15.02 -13.26
CA GLU A 334 5.61 -15.85 -13.03
C GLU A 334 6.59 -15.71 -14.15
N ASP A 335 6.09 -15.58 -15.37
CA ASP A 335 7.02 -15.49 -16.53
C ASP A 335 7.47 -14.09 -16.92
N GLY A 336 7.12 -13.11 -16.11
CA GLY A 336 7.63 -11.75 -16.27
C GLY A 336 6.79 -10.87 -17.18
N GLU A 337 5.49 -11.15 -17.33
CA GLU A 337 4.63 -10.22 -18.05
C GLU A 337 4.15 -9.23 -17.01
N VAL A 338 4.06 -7.95 -17.39
CA VAL A 338 3.55 -6.89 -16.48
C VAL A 338 2.30 -6.29 -17.08
N TYR A 339 1.28 -6.08 -16.23
CA TYR A 339 -0.02 -5.57 -16.66
C TYR A 339 -0.35 -4.36 -15.83
N THR A 340 -0.96 -3.35 -16.45
CA THR A 340 -1.54 -2.23 -15.70
C THR A 340 -2.96 -2.01 -16.18
N TRP A 341 -3.74 -1.30 -15.35
CA TRP A 341 -5.04 -0.78 -15.75
C TRP A 341 -5.46 0.31 -14.79
N GLY A 342 -6.49 1.08 -15.18
CA GLY A 342 -7.05 2.08 -14.26
C GLY A 342 -6.93 3.45 -14.88
N ASP A 343 -6.81 4.47 -14.02
CA ASP A 343 -6.66 5.84 -14.50
C ASP A 343 -5.24 6.09 -14.97
N ASN A 344 -5.09 7.02 -15.92
CA ASN A 344 -3.79 7.29 -16.52
C ASN A 344 -3.50 8.80 -16.64
N ASP A 345 -4.09 9.61 -15.77
CA ASP A 345 -3.96 11.07 -15.99
C ASP A 345 -2.52 11.57 -15.87
N GLU A 346 -1.72 10.85 -15.09
CA GLU A 346 -0.31 11.17 -14.90
C GLU A 346 0.65 10.24 -15.64
N GLY A 347 0.11 9.37 -16.50
CA GLY A 347 0.98 8.43 -17.24
C GLY A 347 1.37 7.19 -16.44
N GLN A 348 0.67 6.95 -15.33
CA GLN A 348 1.03 5.86 -14.41
C GLN A 348 0.77 4.46 -14.98
N LEU A 349 0.11 4.35 -16.14
CA LEU A 349 -0.08 3.02 -16.72
C LEU A 349 1.08 2.60 -17.62
N GLY A 350 1.86 3.56 -18.08
CA GLY A 350 3.10 3.26 -18.81
C GLY A 350 2.95 2.85 -20.26
N ASP A 351 1.90 3.33 -20.93
CA ASP A 351 1.70 2.99 -22.34
C ASP A 351 1.98 4.16 -23.30
N GLY A 352 2.65 5.20 -22.81
CA GLY A 352 2.96 6.36 -23.66
C GLY A 352 1.82 7.36 -23.76
N THR A 353 0.73 7.16 -23.01
CA THR A 353 -0.46 8.04 -23.14
C THR A 353 -0.90 8.52 -21.77
N THR A 354 -1.92 9.37 -21.75
CA THR A 354 -2.65 9.62 -20.51
C THR A 354 -4.12 9.13 -20.61
N ASN A 355 -4.33 8.09 -21.41
CA ASN A 355 -5.66 7.46 -21.57
C ASN A 355 -5.86 6.27 -20.66
N ALA A 356 -7.01 6.27 -19.95
CA ALA A 356 -7.35 5.18 -19.02
C ALA A 356 -7.38 3.85 -19.75
N ILE A 357 -7.07 2.77 -19.02
CA ILE A 357 -7.15 1.44 -19.58
C ILE A 357 -8.17 0.62 -18.78
N GLN A 358 -9.21 0.14 -19.46
CA GLN A 358 -10.37 -0.47 -18.79
C GLN A 358 -10.12 -1.86 -18.21
N ARG A 359 -9.26 -2.61 -18.88
CA ARG A 359 -8.99 -4.02 -18.52
C ARG A 359 -7.49 -4.20 -18.51
N PRO A 360 -6.97 -5.18 -17.72
CA PRO A 360 -5.51 -5.33 -17.70
C PRO A 360 -4.90 -5.42 -19.10
N ARG A 361 -3.84 -4.65 -19.31
CA ARG A 361 -3.16 -4.64 -20.59
C ARG A 361 -1.68 -4.85 -20.35
N LEU A 362 -1.05 -5.67 -21.18
CA LEU A 362 0.38 -5.91 -21.06
C LEU A 362 1.14 -4.57 -21.26
N VAL A 363 2.16 -4.35 -20.44
CA VAL A 363 3.04 -3.19 -20.55
C VAL A 363 4.09 -3.54 -21.60
N ALA A 364 3.89 -3.02 -22.80
CA ALA A 364 4.74 -3.41 -23.93
C ALA A 364 6.24 -3.21 -23.67
N ALA A 365 6.60 -2.08 -23.05
CA ALA A 365 8.02 -1.71 -22.92
C ALA A 365 8.78 -2.68 -21.99
N LEU A 366 8.04 -3.39 -21.16
CA LEU A 366 8.61 -4.34 -20.20
C LEU A 366 8.70 -5.79 -20.70
N GLN A 367 8.22 -6.04 -21.91
CA GLN A 367 8.30 -7.40 -22.43
C GLN A 367 9.77 -7.81 -22.60
N GLY A 368 10.15 -8.96 -22.03
CA GLY A 368 11.55 -9.40 -22.07
C GLY A 368 12.41 -8.94 -20.90
N LYS A 369 11.87 -8.10 -20.01
CA LYS A 369 12.68 -7.53 -18.92
C LYS A 369 12.73 -8.35 -17.61
N LYS A 370 12.03 -9.48 -17.61
N LYS A 370 12.04 -9.48 -17.60
CA LYS A 370 12.04 -10.45 -16.50
CA LYS A 370 12.08 -10.42 -16.48
C LYS A 370 11.56 -9.91 -15.14
C LYS A 370 11.69 -9.77 -15.14
N VAL A 371 10.66 -8.92 -15.17
CA VAL A 371 10.17 -8.27 -13.94
C VAL A 371 9.56 -9.27 -12.93
N ASN A 372 9.94 -9.17 -11.66
CA ASN A 372 9.34 -9.99 -10.61
C ASN A 372 9.02 -9.20 -9.37
N ARG A 373 9.07 -7.86 -9.49
CA ARG A 373 8.74 -6.95 -8.39
C ARG A 373 8.02 -5.74 -8.99
N VAL A 374 6.95 -5.30 -8.33
CA VAL A 374 6.24 -4.10 -8.78
C VAL A 374 5.86 -3.28 -7.56
N ALA A 375 5.72 -1.98 -7.75
CA ALA A 375 5.36 -1.09 -6.64
C ALA A 375 4.62 0.09 -7.17
N CYS A 376 3.86 0.76 -6.31
CA CYS A 376 3.21 2.01 -6.74
C CYS A 376 3.31 3.08 -5.69
N GLY A 377 3.10 4.33 -6.11
CA GLY A 377 2.64 5.36 -5.17
C GLY A 377 1.30 5.89 -5.70
N SER A 378 0.89 7.06 -5.21
CA SER A 378 -0.45 7.61 -5.53
C SER A 378 -0.74 7.54 -7.02
N ALA A 379 0.24 8.00 -7.82
CA ALA A 379 0.02 8.07 -9.27
C ALA A 379 1.32 7.81 -10.02
N HIS A 380 2.10 6.85 -9.52
CA HIS A 380 3.39 6.48 -10.12
C HIS A 380 3.65 5.02 -9.82
N THR A 381 4.57 4.42 -10.57
CA THR A 381 4.59 2.95 -10.68
C THR A 381 6.01 2.51 -10.96
N LEU A 382 6.44 1.41 -10.35
CA LEU A 382 7.80 0.90 -10.54
C LEU A 382 7.73 -0.60 -10.79
N ALA A 383 8.71 -1.08 -11.54
CA ALA A 383 8.81 -2.50 -11.84
C ALA A 383 10.24 -2.84 -12.05
N TRP A 384 10.64 -3.99 -11.49
CA TRP A 384 12.04 -4.42 -11.64
C TRP A 384 12.22 -5.92 -11.46
N SER A 385 13.42 -6.37 -11.78
CA SER A 385 13.82 -7.77 -11.70
C SER A 385 14.90 -7.91 -10.65
N THR A 386 14.77 -8.94 -9.82
CA THR A 386 15.88 -9.34 -8.93
C THR A 386 16.80 -10.30 -9.70
#